data_3KPA
#
_entry.id   3KPA
#
_cell.length_a   57.274
_cell.length_b   34.133
_cell.length_c   126.774
_cell.angle_alpha   90.000
_cell.angle_beta   99.320
_cell.angle_gamma   90.000
#
_symmetry.space_group_name_H-M   'P 1 21 1'
#
loop_
_entity.id
_entity.type
_entity.pdbx_description
1 polymer 'probable Ubiquitin fold modifier conjugating enzyme'
2 water water
#
_entity_poly.entity_id   1
_entity_poly.type   'polypeptide(L)'
_entity_poly.pdbx_seq_one_letter_code
;(MSE)AHHHHHH(MSE)EPSVKESVSRIPLLKTKAGPRDGDKWTARLKEEYASLITYVEHNKASDSHWFHLESNPQGTRW
YGTCWTYYKNEKYEFE(MSE)NFDIPVTYPQAPPEIALPELEGKTVK(MSE)YRGGKIC(MSE)TTHFFPLWARNVPYFG
ISHVLALGLGPWLSIEVPA(MSE)VEEGYLKP
;
_entity_poly.pdbx_strand_id   A,B,C
#
# COMPACT_ATOMS: atom_id res chain seq x y z
N SER A 12 23.10 1.35 -14.71
CA SER A 12 23.76 2.62 -15.16
C SER A 12 23.62 3.73 -14.12
N VAL A 13 22.49 3.74 -13.41
CA VAL A 13 22.27 4.73 -12.34
C VAL A 13 23.33 4.61 -11.23
N LYS A 14 23.60 3.37 -10.80
CA LYS A 14 24.58 3.13 -9.74
C LYS A 14 26.00 3.47 -10.18
N GLU A 15 26.29 3.23 -11.46
CA GLU A 15 27.64 3.44 -12.01
C GLU A 15 27.86 4.88 -12.49
N SER A 16 26.75 5.57 -12.82
CA SER A 16 26.79 7.00 -13.04
C SER A 16 27.22 7.67 -11.74
N VAL A 17 26.55 7.29 -10.65
CA VAL A 17 26.85 7.83 -9.32
C VAL A 17 28.28 7.50 -8.88
N SER A 18 28.80 6.36 -9.33
CA SER A 18 30.15 5.96 -8.96
C SER A 18 31.23 6.84 -9.60
N ARG A 19 30.87 7.61 -10.64
CA ARG A 19 31.78 8.57 -11.26
C ARG A 19 31.52 10.05 -10.88
N ILE A 20 30.55 10.32 -10.02
CA ILE A 20 30.36 11.66 -9.48
C ILE A 20 31.39 12.00 -8.41
N PRO A 21 32.09 13.15 -8.55
CA PRO A 21 33.08 13.49 -7.53
C PRO A 21 32.46 13.64 -6.13
N LEU A 22 33.14 13.10 -5.13
CA LEU A 22 32.74 13.25 -3.75
C LEU A 22 33.28 14.56 -3.21
N LEU A 23 32.72 14.99 -2.09
CA LEU A 23 33.09 16.27 -1.47
C LEU A 23 33.78 16.00 -0.13
N LYS A 24 34.62 16.91 0.33
CA LYS A 24 35.45 16.65 1.52
C LYS A 24 35.09 17.49 2.71
N THR A 25 34.36 18.58 2.48
CA THR A 25 34.22 19.64 3.45
C THR A 25 32.86 19.59 4.09
N LYS A 26 32.88 19.58 5.42
CA LYS A 26 31.68 19.57 6.20
C LYS A 26 31.37 21.02 6.55
N ALA A 27 30.52 21.62 5.74
CA ALA A 27 30.12 22.99 6.00
C ALA A 27 28.83 23.25 5.29
N GLY A 28 28.01 24.09 5.92
CA GLY A 28 26.84 24.65 5.29
C GLY A 28 26.92 26.16 5.15
N PRO A 29 25.82 26.77 4.67
CA PRO A 29 25.79 28.17 4.28
C PRO A 29 26.19 29.20 5.34
N ARG A 30 26.09 28.86 6.62
CA ARG A 30 26.44 29.79 7.71
C ARG A 30 27.94 29.87 8.01
N ASP A 31 28.76 29.06 7.34
CA ASP A 31 30.12 28.77 7.80
C ASP A 31 31.24 29.58 7.12
N GLY A 32 30.88 30.71 6.51
CA GLY A 32 31.86 31.66 5.96
C GLY A 32 32.82 31.06 4.94
N ASP A 33 34.12 31.10 5.24
CA ASP A 33 35.13 30.63 4.29
C ASP A 33 35.01 29.14 4.00
N LYS A 34 34.54 28.35 4.97
CA LYS A 34 34.38 26.91 4.74
C LYS A 34 33.21 26.63 3.82
N TRP A 35 32.19 27.49 3.84
CA TRP A 35 31.09 27.35 2.89
C TRP A 35 31.58 27.61 1.47
N THR A 36 32.43 28.62 1.31
CA THR A 36 33.01 28.94 0.02
C THR A 36 33.83 27.75 -0.51
N ALA A 37 34.67 27.18 0.34
CA ALA A 37 35.37 25.93 0.00
C ALA A 37 34.41 24.77 -0.28
N ARG A 38 33.34 24.60 0.50
CA ARG A 38 32.34 23.58 0.19
C ARG A 38 31.70 23.79 -1.18
N LEU A 39 31.36 25.04 -1.49
CA LEU A 39 30.70 25.39 -2.76
C LEU A 39 31.59 25.08 -3.97
N LYS A 40 32.89 25.29 -3.81
CA LYS A 40 33.83 24.98 -4.87
C LYS A 40 33.77 23.49 -5.23
N GLU A 41 33.73 22.64 -4.20
CA GLU A 41 33.58 21.21 -4.39
C GLU A 41 32.23 20.87 -5.00
N GLU A 42 31.18 21.58 -4.57
CA GLU A 42 29.82 21.42 -5.14
C GLU A 42 29.84 21.68 -6.60
N TYR A 43 30.40 22.83 -7.00
CA TYR A 43 30.54 23.18 -8.39
C TYR A 43 31.39 22.19 -9.17
N ALA A 44 32.50 21.73 -8.59
CA ALA A 44 33.38 20.74 -9.25
C ALA A 44 32.67 19.41 -9.47
N SER A 45 31.91 18.97 -8.47
CA SER A 45 31.14 17.75 -8.61
C SER A 45 30.04 17.90 -9.66
N LEU A 46 29.28 18.98 -9.60
CA LEU A 46 28.23 19.24 -10.59
C LEU A 46 28.74 19.30 -12.03
N ILE A 47 29.76 20.09 -12.26
CA ILE A 47 30.36 20.20 -13.60
C ILE A 47 30.76 18.83 -14.15
N THR A 48 31.47 18.01 -13.36
CA THR A 48 31.92 16.68 -13.80
C THR A 48 30.70 15.81 -14.14
N TYR A 49 29.71 15.83 -13.26
CA TYR A 49 28.47 15.08 -13.47
C TYR A 49 27.76 15.50 -14.78
N VAL A 50 27.66 16.81 -15.01
CA VAL A 50 27.07 17.30 -16.25
C VAL A 50 27.89 16.91 -17.49
N GLU A 51 29.21 17.06 -17.44
CA GLU A 51 30.04 16.61 -18.54
C GLU A 51 29.86 15.11 -18.82
N HIS A 52 29.83 14.30 -17.77
CA HIS A 52 29.62 12.87 -17.93
C HIS A 52 28.27 12.62 -18.57
N ASN A 53 27.24 13.35 -18.13
CA ASN A 53 25.90 13.20 -18.71
C ASN A 53 25.89 13.58 -20.19
N LYS A 54 26.59 14.66 -20.54
CA LYS A 54 26.63 15.13 -21.92
C LYS A 54 27.35 14.13 -22.85
N ALA A 55 28.39 13.47 -22.35
CA ALA A 55 29.17 12.55 -23.17
C ALA A 55 28.42 11.24 -23.38
N SER A 56 27.47 10.92 -22.51
CA SER A 56 26.62 9.74 -22.69
C SER A 56 25.25 10.14 -23.25
N ASP A 57 25.18 11.38 -23.73
CA ASP A 57 23.97 11.97 -24.28
C ASP A 57 22.74 11.73 -23.38
N SER A 58 22.92 12.04 -22.10
CA SER A 58 21.86 11.89 -21.11
C SER A 58 21.72 13.15 -20.26
N HIS A 59 22.07 14.30 -20.83
CA HIS A 59 21.96 15.59 -20.14
C HIS A 59 20.48 15.88 -19.85
N TRP A 60 20.16 16.15 -18.58
CA TRP A 60 18.76 16.23 -18.16
C TRP A 60 18.40 17.39 -17.21
N PHE A 61 19.29 18.35 -17.00
CA PHE A 61 18.97 19.51 -16.17
C PHE A 61 19.90 20.66 -16.42
N HIS A 62 19.40 21.86 -16.15
CA HIS A 62 20.21 23.07 -16.20
C HIS A 62 19.93 23.86 -14.92
N LEU A 63 20.98 24.17 -14.16
CA LEU A 63 20.83 24.83 -12.88
C LEU A 63 21.63 26.13 -12.80
N GLU A 64 21.00 27.14 -12.20
CA GLU A 64 21.69 28.35 -11.77
C GLU A 64 21.46 28.49 -10.27
N SER A 65 22.19 29.41 -9.65
CA SER A 65 21.93 29.78 -8.28
C SER A 65 22.28 31.25 -8.07
N ASN A 66 21.88 31.78 -6.92
CA ASN A 66 22.37 33.07 -6.44
C ASN A 66 23.87 32.95 -6.18
N PRO A 67 24.58 34.09 -5.97
CA PRO A 67 26.03 34.06 -5.73
C PRO A 67 26.45 33.28 -4.46
N GLN A 68 25.59 33.27 -3.45
CA GLN A 68 25.89 32.59 -2.18
C GLN A 68 25.72 31.07 -2.29
N GLY A 69 25.12 30.59 -3.37
CA GLY A 69 24.95 29.15 -3.57
C GLY A 69 23.89 28.55 -2.68
N THR A 70 23.03 29.39 -2.12
CA THR A 70 22.02 28.92 -1.19
C THR A 70 20.62 28.80 -1.79
N ARG A 71 20.34 29.49 -2.90
CA ARG A 71 19.07 29.31 -3.61
C ARG A 71 19.35 28.89 -5.04
N TRP A 72 18.78 27.78 -5.47
CA TRP A 72 19.04 27.21 -6.79
C TRP A 72 17.75 27.14 -7.59
N TYR A 73 17.84 27.30 -8.91
CA TYR A 73 16.63 27.28 -9.74
C TYR A 73 17.02 26.89 -11.16
N GLY A 74 16.08 26.33 -11.91
CA GLY A 74 16.34 26.01 -13.31
C GLY A 74 15.31 25.07 -13.86
N THR A 75 15.72 24.16 -14.74
CA THR A 75 14.82 23.14 -15.23
C THR A 75 15.47 21.77 -15.24
N CYS A 76 14.62 20.74 -15.27
CA CYS A 76 15.02 19.35 -15.48
C CYS A 76 14.05 18.77 -16.50
N TRP A 77 14.45 17.71 -17.20
CA TRP A 77 13.57 17.13 -18.20
C TRP A 77 13.75 15.61 -18.37
N THR A 78 12.76 14.97 -18.97
CA THR A 78 12.80 13.53 -19.22
C THR A 78 12.14 13.24 -20.55
N TYR A 79 12.58 12.16 -21.20
CA TYR A 79 11.99 11.73 -22.45
C TYR A 79 11.09 10.54 -22.23
N TYR A 80 9.95 10.52 -22.93
CA TYR A 80 8.99 9.43 -22.86
C TYR A 80 8.31 9.26 -24.21
N LYS A 81 8.34 8.04 -24.74
CA LYS A 81 7.83 7.74 -26.09
C LYS A 81 8.49 8.65 -27.13
N ASN A 82 9.77 8.98 -26.90
CA ASN A 82 10.53 9.85 -27.78
C ASN A 82 10.14 11.34 -27.71
N GLU A 83 9.48 11.76 -26.63
CA GLU A 83 9.07 13.17 -26.47
C GLU A 83 9.57 13.81 -25.17
N LYS A 84 9.95 15.07 -25.27
CA LYS A 84 10.57 15.80 -24.16
C LYS A 84 9.52 16.44 -23.26
N TYR A 85 9.69 16.25 -21.96
CA TYR A 85 8.86 16.90 -20.94
C TYR A 85 9.80 17.66 -20.02
N GLU A 86 9.67 18.98 -19.98
CA GLU A 86 10.56 19.85 -19.21
C GLU A 86 9.78 20.57 -18.10
N PHE A 87 10.42 20.75 -16.95
CA PHE A 87 9.79 21.30 -15.75
C PHE A 87 10.66 22.32 -15.04
N GLU A 88 10.05 23.39 -14.54
CA GLU A 88 10.76 24.32 -13.67
C GLU A 88 11.06 23.62 -12.35
N ASN A 90 13.32 24.20 -8.40
CA ASN A 90 14.03 25.05 -7.48
C ASN A 90 14.26 24.37 -6.16
N PHE A 91 15.30 24.79 -5.47
CA PHE A 91 15.55 24.30 -4.13
C PHE A 91 16.46 25.29 -3.44
N ASP A 92 16.26 25.41 -2.13
CA ASP A 92 17.17 26.14 -1.25
C ASP A 92 18.07 25.13 -0.56
N ILE A 93 19.27 25.57 -0.15
CA ILE A 93 20.19 24.74 0.59
C ILE A 93 19.92 25.04 2.06
N PRO A 94 19.43 24.03 2.82
CA PRO A 94 19.18 24.22 4.26
C PRO A 94 20.41 24.73 5.01
N VAL A 95 20.18 25.49 6.06
CA VAL A 95 21.28 25.95 6.91
C VAL A 95 22.04 24.78 7.61
N THR A 96 21.39 23.64 7.81
CA THR A 96 22.05 22.43 8.36
C THR A 96 22.57 21.45 7.28
N TYR A 97 22.53 21.88 6.02
CA TYR A 97 23.25 21.18 4.97
C TYR A 97 24.71 21.07 5.41
N PRO A 98 25.38 19.95 5.11
CA PRO A 98 25.00 18.75 4.37
C PRO A 98 24.35 17.60 5.13
N GLN A 99 24.09 17.75 6.43
CA GLN A 99 23.34 16.73 7.19
C GLN A 99 21.95 16.56 6.61
N ALA A 100 21.28 17.68 6.38
CA ALA A 100 19.96 17.70 5.76
C ALA A 100 20.13 18.00 4.27
N PRO A 101 19.58 17.13 3.40
CA PRO A 101 19.62 17.41 1.98
C PRO A 101 18.56 18.44 1.60
N PRO A 102 18.76 19.17 0.49
CA PRO A 102 17.71 20.10 0.13
C PRO A 102 16.46 19.37 -0.34
N GLU A 103 15.35 20.08 -0.28
CA GLU A 103 14.06 19.59 -0.73
C GLU A 103 13.82 20.23 -2.10
N ILE A 104 13.58 19.41 -3.11
CA ILE A 104 13.45 19.91 -4.48
C ILE A 104 11.98 20.11 -4.86
N ALA A 105 11.65 21.30 -5.36
CA ALA A 105 10.28 21.62 -5.79
C ALA A 105 10.15 21.61 -7.30
N LEU A 106 9.05 21.05 -7.80
CA LEU A 106 8.62 21.17 -9.19
C LEU A 106 7.18 21.70 -9.15
N PRO A 107 7.00 23.03 -9.00
CA PRO A 107 5.70 23.66 -8.71
C PRO A 107 4.59 23.42 -9.75
N GLU A 108 4.96 23.26 -11.02
CA GLU A 108 4.00 22.96 -12.08
C GLU A 108 3.28 21.62 -11.87
N LEU A 109 3.86 20.73 -11.07
CA LEU A 109 3.31 19.37 -10.90
C LEU A 109 2.37 19.17 -9.70
N GLU A 110 2.20 20.18 -8.86
CA GLU A 110 1.26 20.12 -7.73
C GLU A 110 -0.11 19.63 -8.17
N GLY A 111 -0.66 18.68 -7.42
CA GLY A 111 -1.98 18.14 -7.72
C GLY A 111 -1.98 17.13 -8.85
N LYS A 112 -0.84 16.94 -9.52
CA LYS A 112 -0.75 15.97 -10.62
C LYS A 112 -0.22 14.61 -10.15
N THR A 113 0.31 14.56 -8.94
CA THR A 113 0.82 13.31 -8.38
C THR A 113 0.74 13.37 -6.86
N VAL A 114 0.54 12.21 -6.24
CA VAL A 114 0.51 12.11 -4.78
C VAL A 114 1.91 12.07 -4.19
N LYS A 115 2.92 11.82 -5.00
CA LYS A 115 4.31 11.69 -4.52
C LYS A 115 4.96 13.05 -4.36
N TYR A 117 4.68 16.85 -1.65
CA TYR A 117 4.13 17.52 -0.45
C TYR A 117 4.20 19.05 -0.50
N ARG A 118 3.59 19.68 0.49
CA ARG A 118 3.52 21.15 0.64
C ARG A 118 4.57 21.95 -0.12
N GLY A 119 4.14 22.61 -1.20
CA GLY A 119 5.02 23.51 -1.96
C GLY A 119 5.54 22.96 -3.27
N GLY A 120 4.92 21.86 -3.74
CA GLY A 120 5.39 21.15 -4.92
C GLY A 120 6.70 20.40 -4.70
N LYS A 121 7.06 20.18 -3.44
CA LYS A 121 8.24 19.43 -3.08
C LYS A 121 8.03 17.95 -3.31
N ILE A 122 8.99 17.33 -3.99
CA ILE A 122 8.87 15.93 -4.35
C ILE A 122 9.11 15.00 -3.15
N CYS A 123 8.34 13.92 -3.09
CA CYS A 123 8.52 12.88 -2.08
C CYS A 123 9.48 11.89 -2.69
N THR A 125 12.38 8.75 -2.80
CA THR A 125 12.31 7.35 -2.36
C THR A 125 12.71 7.21 -0.90
N THR A 126 12.09 6.26 -0.24
CA THR A 126 12.44 5.89 1.13
C THR A 126 13.93 5.58 1.26
N HIS A 127 14.51 5.01 0.21
CA HIS A 127 15.89 4.55 0.21
C HIS A 127 16.88 5.70 0.16
N PHE A 128 16.43 6.86 -0.32
CA PHE A 128 17.28 8.03 -0.45
C PHE A 128 17.85 8.53 0.87
N PHE A 129 17.01 8.63 1.90
CA PHE A 129 17.41 9.32 3.13
C PHE A 129 18.48 8.60 3.96
N PRO A 130 18.32 7.28 4.23
CA PRO A 130 19.40 6.49 4.86
C PRO A 130 20.71 6.48 4.07
N LEU A 131 20.62 6.54 2.75
CA LEU A 131 21.80 6.56 1.90
C LEU A 131 22.51 7.90 2.06
N TRP A 132 21.73 8.98 2.07
CA TRP A 132 22.26 10.31 2.35
C TRP A 132 22.95 10.36 3.73
N ALA A 133 22.20 9.96 4.75
CA ALA A 133 22.63 10.10 6.13
C ALA A 133 24.00 9.46 6.39
N ARG A 134 24.27 8.31 5.78
CA ARG A 134 25.56 7.67 6.04
C ARG A 134 26.70 8.06 5.13
N ASN A 135 26.41 8.90 4.13
CA ASN A 135 27.42 9.45 3.25
C ASN A 135 27.61 10.96 3.43
N VAL A 136 27.21 11.50 4.58
CA VAL A 136 27.44 12.89 4.90
C VAL A 136 28.88 12.98 5.40
N PRO A 137 29.65 13.95 4.91
CA PRO A 137 29.41 15.02 3.98
C PRO A 137 29.86 14.78 2.51
N TYR A 138 30.10 13.53 2.14
CA TYR A 138 30.78 13.21 0.88
C TYR A 138 29.87 13.35 -0.33
N PHE A 139 28.56 13.40 -0.08
CA PHE A 139 27.59 13.62 -1.13
C PHE A 139 27.19 15.10 -1.17
N GLY A 140 26.91 15.59 -2.37
CA GLY A 140 26.37 16.90 -2.54
C GLY A 140 25.15 16.93 -3.47
N ILE A 141 24.95 18.10 -4.05
CA ILE A 141 23.82 18.43 -4.91
C ILE A 141 23.74 17.49 -6.10
N SER A 142 24.88 17.24 -6.72
CA SER A 142 24.97 16.28 -7.81
C SER A 142 24.33 14.93 -7.41
N HIS A 143 24.58 14.47 -6.19
CA HIS A 143 23.99 13.20 -5.70
C HIS A 143 22.51 13.29 -5.42
N VAL A 144 22.06 14.40 -4.86
CA VAL A 144 20.63 14.64 -4.70
C VAL A 144 19.91 14.52 -6.04
N LEU A 145 20.48 15.12 -7.08
CA LEU A 145 19.87 15.06 -8.41
C LEU A 145 19.92 13.63 -8.97
N ALA A 146 21.05 12.93 -8.79
CA ALA A 146 21.25 11.63 -9.40
C ALA A 146 20.47 10.53 -8.70
N LEU A 147 20.44 10.60 -7.36
CA LEU A 147 19.76 9.58 -6.56
C LEU A 147 18.34 9.97 -6.18
N GLY A 148 18.06 11.27 -6.10
CA GLY A 148 16.74 11.73 -5.65
C GLY A 148 15.82 12.13 -6.79
N LEU A 149 16.18 13.20 -7.49
CA LEU A 149 15.31 13.79 -8.50
C LEU A 149 15.22 12.95 -9.76
N GLY A 150 16.35 12.43 -10.21
CA GLY A 150 16.40 11.60 -11.42
C GLY A 150 15.46 10.42 -11.38
N PRO A 151 15.59 9.55 -10.37
CA PRO A 151 14.67 8.42 -10.21
C PRO A 151 13.20 8.84 -10.05
N TRP A 152 12.95 9.88 -9.27
CA TRP A 152 11.58 10.40 -9.10
C TRP A 152 10.96 10.72 -10.46
N LEU A 153 11.69 11.43 -11.32
CA LEU A 153 11.21 11.74 -12.67
C LEU A 153 10.92 10.49 -13.50
N SER A 154 11.83 9.52 -13.46
CA SER A 154 11.71 8.32 -14.29
C SER A 154 10.49 7.48 -13.98
N ILE A 155 9.99 7.56 -12.74
CA ILE A 155 8.83 6.78 -12.33
C ILE A 155 7.52 7.57 -12.48
N GLU A 156 7.54 8.84 -12.06
CA GLU A 156 6.30 9.62 -12.01
C GLU A 156 5.87 10.23 -13.35
N VAL A 157 6.83 10.76 -14.12
CA VAL A 157 6.48 11.42 -15.36
C VAL A 157 5.71 10.49 -16.32
N PRO A 158 6.17 9.24 -16.50
CA PRO A 158 5.42 8.30 -17.34
C PRO A 158 3.97 8.10 -16.86
N ALA A 159 3.78 8.02 -15.55
CA ALA A 159 2.46 7.91 -14.96
C ALA A 159 1.57 9.07 -15.39
N VAL A 161 2.08 11.33 -17.86
CA VAL A 161 1.91 11.37 -19.30
C VAL A 161 0.79 10.41 -19.70
N GLU A 162 0.77 9.24 -19.07
CA GLU A 162 -0.23 8.21 -19.39
C GLU A 162 -1.61 8.56 -18.82
N GLU A 163 -1.64 9.20 -17.64
CA GLU A 163 -2.91 9.61 -17.02
C GLU A 163 -3.60 10.79 -17.74
N GLY A 164 -2.85 11.54 -18.55
CA GLY A 164 -3.42 12.62 -19.36
C GLY A 164 -3.20 14.02 -18.82
N TYR A 165 -2.35 14.17 -17.80
CA TYR A 165 -2.04 15.48 -17.25
C TYR A 165 -0.93 16.17 -18.05
N LEU A 166 -0.21 15.39 -18.85
CA LEU A 166 0.93 15.88 -19.63
C LEU A 166 0.77 15.54 -21.10
N LYS A 167 1.15 16.48 -21.97
CA LYS A 167 1.19 16.25 -23.42
C LYS A 167 2.48 16.85 -24.00
N PRO A 168 2.85 16.45 -25.24
CA PRO A 168 4.05 16.97 -25.92
C PRO A 168 4.55 18.34 -25.45
N SER B 12 -3.25 1.65 27.55
CA SER B 12 -4.51 2.44 27.77
C SER B 12 -5.54 2.26 26.65
N VAL B 13 -5.15 1.64 25.53
CA VAL B 13 -6.13 1.23 24.51
C VAL B 13 -6.94 0.05 25.04
N LYS B 14 -6.27 -0.87 25.74
CA LYS B 14 -6.94 -2.02 26.36
C LYS B 14 -8.06 -1.55 27.28
N GLU B 15 -7.76 -0.56 28.13
CA GLU B 15 -8.75 0.02 29.06
C GLU B 15 -9.88 0.74 28.32
N SER B 16 -9.52 1.61 27.38
CA SER B 16 -10.53 2.34 26.59
C SER B 16 -11.45 1.38 25.83
N VAL B 17 -10.86 0.36 25.23
CA VAL B 17 -11.59 -0.61 24.41
C VAL B 17 -12.51 -1.47 25.27
N SER B 18 -12.07 -1.80 26.49
CA SER B 18 -12.91 -2.50 27.47
C SER B 18 -14.22 -1.77 27.77
N ARG B 19 -14.26 -0.45 27.57
CA ARG B 19 -15.44 0.35 27.87
C ARG B 19 -16.25 0.71 26.64
N ILE B 20 -15.80 0.25 25.47
CA ILE B 20 -16.55 0.47 24.24
C ILE B 20 -17.64 -0.59 24.19
N PRO B 21 -18.90 -0.17 23.99
CA PRO B 21 -20.02 -1.11 23.89
C PRO B 21 -19.93 -2.11 22.75
N LEU B 22 -20.28 -3.35 23.04
CA LEU B 22 -20.33 -4.39 22.03
C LEU B 22 -21.62 -4.28 21.22
N LEU B 23 -21.64 -4.98 20.10
CA LEU B 23 -22.79 -5.05 19.22
C LEU B 23 -23.29 -6.50 19.20
N LYS B 24 -24.55 -6.70 18.84
CA LYS B 24 -25.21 -8.02 18.91
C LYS B 24 -25.58 -8.59 17.54
N THR B 25 -25.86 -7.72 16.58
CA THR B 25 -26.61 -8.09 15.39
C THR B 25 -25.67 -8.34 14.24
N LYS B 26 -25.79 -9.52 13.65
CA LYS B 26 -25.03 -9.89 12.49
C LYS B 26 -25.80 -9.46 11.24
N ALA B 27 -25.43 -8.32 10.69
CA ALA B 27 -26.05 -7.86 9.46
C ALA B 27 -25.13 -6.88 8.78
N GLY B 28 -25.23 -6.82 7.46
CA GLY B 28 -24.58 -5.78 6.66
C GLY B 28 -25.60 -4.93 5.91
N PRO B 29 -25.14 -3.89 5.20
CA PRO B 29 -25.97 -2.88 4.50
C PRO B 29 -27.06 -3.37 3.55
N ARG B 30 -26.93 -4.56 2.98
CA ARG B 30 -27.99 -5.11 2.14
C ARG B 30 -29.13 -5.78 2.91
N ASP B 31 -28.99 -5.96 4.23
CA ASP B 31 -29.91 -6.82 4.99
C ASP B 31 -31.16 -6.15 5.56
N GLY B 32 -31.45 -4.93 5.12
CA GLY B 32 -32.73 -4.27 5.37
C GLY B 32 -33.00 -3.91 6.83
N ASP B 33 -34.12 -4.40 7.33
CA ASP B 33 -34.51 -4.13 8.73
C ASP B 33 -33.44 -4.54 9.75
N LYS B 34 -32.69 -5.60 9.47
CA LYS B 34 -31.60 -6.04 10.36
C LYS B 34 -30.39 -5.10 10.34
N TRP B 35 -30.13 -4.44 9.20
CA TRP B 35 -29.05 -3.44 9.13
C TRP B 35 -29.35 -2.21 9.99
N THR B 36 -30.61 -1.77 9.97
CA THR B 36 -31.06 -0.64 10.78
C THR B 36 -30.87 -0.93 12.27
N ALA B 37 -31.27 -2.13 12.69
CA ALA B 37 -30.98 -2.62 14.04
C ALA B 37 -29.47 -2.59 14.31
N ARG B 38 -28.66 -3.07 13.37
CA ARG B 38 -27.21 -3.05 13.56
C ARG B 38 -26.70 -1.60 13.67
N LEU B 39 -27.10 -0.77 12.72
CA LEU B 39 -26.71 0.63 12.69
C LEU B 39 -26.98 1.32 14.01
N LYS B 40 -28.12 1.04 14.63
CA LYS B 40 -28.46 1.62 15.91
C LYS B 40 -27.48 1.24 17.03
N GLU B 41 -27.03 -0.02 17.04
CA GLU B 41 -26.01 -0.49 17.99
C GLU B 41 -24.65 0.17 17.68
N GLU B 42 -24.40 0.37 16.40
CA GLU B 42 -23.21 1.05 15.90
C GLU B 42 -23.13 2.52 16.41
N TYR B 43 -24.24 3.23 16.26
CA TYR B 43 -24.33 4.60 16.74
C TYR B 43 -24.25 4.64 18.26
N ALA B 44 -24.89 3.71 18.92
CA ALA B 44 -24.84 3.69 20.39
C ALA B 44 -23.40 3.45 20.90
N SER B 45 -22.66 2.58 20.20
CA SER B 45 -21.28 2.28 20.56
C SER B 45 -20.33 3.45 20.27
N LEU B 46 -20.45 4.06 19.10
CA LEU B 46 -19.66 5.26 18.75
C LEU B 46 -19.90 6.43 19.71
N ILE B 47 -21.17 6.72 19.96
CA ILE B 47 -21.55 7.78 20.90
C ILE B 47 -20.91 7.57 22.27
N THR B 48 -20.99 6.35 22.76
CA THR B 48 -20.46 6.01 24.08
C THR B 48 -18.95 6.20 24.08
N TYR B 49 -18.28 5.70 23.04
CA TYR B 49 -16.83 5.84 22.91
C TYR B 49 -16.43 7.31 22.83
N VAL B 50 -17.19 8.12 22.09
CA VAL B 50 -16.88 9.55 21.97
C VAL B 50 -17.02 10.24 23.33
N GLU B 51 -18.10 9.94 24.04
CA GLU B 51 -18.33 10.50 25.36
C GLU B 51 -17.21 10.16 26.34
N HIS B 52 -16.73 8.91 26.29
CA HIS B 52 -15.62 8.48 27.13
C HIS B 52 -14.34 9.25 26.78
N ASN B 53 -14.07 9.41 25.49
CA ASN B 53 -12.92 10.20 25.02
C ASN B 53 -12.98 11.65 25.50
N LYS B 54 -14.12 12.30 25.33
CA LYS B 54 -14.30 13.67 25.81
C LYS B 54 -14.11 13.78 27.31
N ALA B 55 -14.69 12.85 28.06
CA ALA B 55 -14.62 12.87 29.53
C ALA B 55 -13.19 12.67 30.06
N SER B 56 -12.35 12.03 29.26
CA SER B 56 -10.92 11.88 29.58
C SER B 56 -10.04 12.84 28.76
N ASP B 57 -10.65 13.84 28.12
CA ASP B 57 -9.91 14.84 27.33
C ASP B 57 -9.04 14.21 26.22
N SER B 58 -9.55 13.15 25.59
CA SER B 58 -8.80 12.43 24.56
C SER B 58 -9.60 12.26 23.27
N HIS B 59 -10.57 13.16 23.04
CA HIS B 59 -11.36 13.18 21.81
C HIS B 59 -10.42 13.36 20.62
N TRP B 60 -10.61 12.53 19.59
CA TRP B 60 -9.69 12.56 18.45
C TRP B 60 -10.31 12.37 17.07
N PHE B 61 -11.63 12.30 16.95
CA PHE B 61 -12.22 12.25 15.62
C PHE B 61 -13.59 12.89 15.58
N HIS B 62 -13.99 13.30 14.39
CA HIS B 62 -15.33 13.76 14.16
C HIS B 62 -15.79 13.16 12.87
N LEU B 63 -16.91 12.45 12.93
CA LEU B 63 -17.42 11.74 11.78
C LEU B 63 -18.89 11.96 11.54
N GLU B 64 -19.23 11.91 10.26
CA GLU B 64 -20.60 11.93 9.81
C GLU B 64 -20.75 10.83 8.74
N SER B 65 -21.98 10.49 8.39
CA SER B 65 -22.26 9.46 7.39
C SER B 65 -23.53 9.78 6.61
N ASN B 66 -23.75 9.06 5.51
CA ASN B 66 -25.02 9.17 4.78
C ASN B 66 -26.15 8.58 5.65
N PRO B 67 -27.42 8.83 5.28
CA PRO B 67 -28.53 8.29 6.05
C PRO B 67 -28.53 6.76 6.23
N GLN B 68 -27.92 6.01 5.32
CA GLN B 68 -27.85 4.54 5.41
C GLN B 68 -26.70 4.03 6.28
N GLY B 69 -25.85 4.91 6.78
CA GLY B 69 -24.73 4.52 7.61
C GLY B 69 -23.64 3.73 6.89
N THR B 70 -23.64 3.73 5.55
CA THR B 70 -22.71 2.91 4.78
C THR B 70 -21.48 3.64 4.25
N ARG B 71 -21.56 4.96 4.16
CA ARG B 71 -20.43 5.79 3.70
C ARG B 71 -20.14 6.81 4.78
N TRP B 72 -18.92 6.82 5.31
CA TRP B 72 -18.54 7.70 6.41
C TRP B 72 -17.38 8.62 6.03
N TYR B 73 -17.37 9.81 6.62
CA TYR B 73 -16.32 10.79 6.34
C TYR B 73 -16.21 11.81 7.47
N GLY B 74 -15.06 12.45 7.53
CA GLY B 74 -14.82 13.43 8.58
C GLY B 74 -13.34 13.68 8.76
N THR B 75 -12.94 14.01 9.99
CA THR B 75 -11.54 14.21 10.30
C THR B 75 -11.13 13.38 11.50
N CYS B 76 -9.82 13.17 11.62
CA CYS B 76 -9.25 12.66 12.85
C CYS B 76 -7.97 13.44 13.08
N TRP B 77 -7.51 13.42 14.31
CA TRP B 77 -6.30 14.15 14.67
C TRP B 77 -5.51 13.47 15.77
N THR B 78 -4.30 13.98 15.96
CA THR B 78 -3.40 13.50 16.97
C THR B 78 -2.54 14.67 17.40
N TYR B 79 -1.90 14.54 18.56
CA TYR B 79 -1.04 15.58 19.10
C TYR B 79 0.37 15.02 19.18
N TYR B 80 1.32 15.69 18.53
CA TYR B 80 2.72 15.32 18.61
C TYR B 80 3.52 16.54 19.01
N LYS B 81 4.32 16.39 20.08
CA LYS B 81 5.12 17.50 20.61
C LYS B 81 4.30 18.80 20.72
N ASN B 82 3.14 18.70 21.36
CA ASN B 82 2.24 19.84 21.60
C ASN B 82 1.60 20.45 20.33
N GLU B 83 1.70 19.76 19.19
CA GLU B 83 1.11 20.24 17.94
C GLU B 83 0.01 19.28 17.50
N LYS B 84 -1.14 19.83 17.15
CA LYS B 84 -2.26 19.07 16.61
C LYS B 84 -2.05 18.86 15.13
N TYR B 85 -2.33 17.66 14.65
CA TYR B 85 -2.30 17.37 13.22
C TYR B 85 -3.60 16.69 12.88
N GLU B 86 -4.40 17.35 12.05
CA GLU B 86 -5.73 16.88 11.66
C GLU B 86 -5.70 16.40 10.21
N PHE B 87 -6.43 15.32 9.90
CA PHE B 87 -6.47 14.74 8.56
C PHE B 87 -7.89 14.44 8.14
N GLU B 88 -8.21 14.61 6.85
CA GLU B 88 -9.48 14.09 6.33
C GLU B 88 -9.45 12.57 6.37
N ASN B 90 -12.06 8.94 5.48
CA ASN B 90 -13.28 8.39 4.96
C ASN B 90 -13.22 6.87 4.90
N PHE B 91 -14.37 6.23 5.02
CA PHE B 91 -14.46 4.81 4.80
C PHE B 91 -15.86 4.41 4.38
N ASP B 92 -15.94 3.42 3.51
CA ASP B 92 -17.19 2.78 3.14
C ASP B 92 -17.36 1.49 3.96
N ILE B 93 -18.59 1.17 4.33
CA ILE B 93 -18.90 -0.09 4.98
C ILE B 93 -19.16 -1.09 3.86
N PRO B 94 -18.37 -2.15 3.78
CA PRO B 94 -18.52 -3.07 2.65
C PRO B 94 -19.76 -3.94 2.82
N VAL B 95 -20.24 -4.49 1.70
CA VAL B 95 -21.46 -5.32 1.70
C VAL B 95 -21.27 -6.57 2.58
N THR B 96 -20.01 -6.94 2.80
CA THR B 96 -19.62 -8.14 3.53
C THR B 96 -19.28 -7.85 4.99
N TYR B 97 -19.59 -6.64 5.43
CA TYR B 97 -19.50 -6.27 6.84
C TYR B 97 -20.58 -7.08 7.59
N PRO B 98 -20.35 -7.41 8.87
CA PRO B 98 -19.18 -7.18 9.72
C PRO B 98 -17.99 -8.14 9.56
N GLN B 99 -18.12 -9.22 8.79
CA GLN B 99 -16.97 -10.09 8.55
C GLN B 99 -15.77 -9.30 8.03
N ALA B 100 -16.00 -8.55 6.95
CA ALA B 100 -14.98 -7.70 6.39
C ALA B 100 -15.02 -6.34 7.08
N PRO B 101 -13.93 -5.93 7.74
CA PRO B 101 -13.87 -4.61 8.34
C PRO B 101 -13.70 -3.53 7.27
N PRO B 102 -14.12 -2.28 7.56
CA PRO B 102 -13.95 -1.23 6.57
C PRO B 102 -12.49 -0.84 6.46
N GLU B 103 -12.14 -0.24 5.33
CA GLU B 103 -10.81 0.22 5.10
C GLU B 103 -10.84 1.73 5.19
N ILE B 104 -10.02 2.28 6.07
CA ILE B 104 -10.01 3.71 6.33
C ILE B 104 -8.97 4.41 5.47
N ALA B 105 -9.43 5.35 4.65
CA ALA B 105 -8.55 6.17 3.80
C ALA B 105 -8.23 7.48 4.49
N LEU B 106 -6.96 7.89 4.45
CA LEU B 106 -6.51 9.22 4.89
C LEU B 106 -5.77 9.82 3.69
N PRO B 107 -6.53 10.45 2.76
CA PRO B 107 -6.02 10.70 1.42
C PRO B 107 -4.84 11.65 1.33
N GLU B 108 -4.78 12.63 2.22
CA GLU B 108 -3.72 13.65 2.20
C GLU B 108 -2.40 13.06 2.64
N LEU B 109 -2.40 11.86 3.22
CA LEU B 109 -1.14 11.22 3.61
C LEU B 109 -0.62 10.22 2.58
N GLU B 110 -1.40 9.95 1.53
CA GLU B 110 -0.91 9.10 0.44
C GLU B 110 0.30 9.75 -0.23
N GLY B 111 1.36 8.96 -0.44
CA GLY B 111 2.64 9.47 -0.97
C GLY B 111 3.67 9.79 0.10
N LYS B 112 3.24 10.01 1.34
CA LYS B 112 4.11 10.45 2.43
C LYS B 112 4.48 9.33 3.43
N THR B 113 3.87 8.15 3.29
CA THR B 113 4.17 6.99 4.14
C THR B 113 4.08 5.72 3.33
N VAL B 114 4.83 4.71 3.76
CA VAL B 114 4.82 3.40 3.13
C VAL B 114 3.82 2.47 3.79
N LYS B 115 3.32 2.84 4.97
CA LYS B 115 2.30 2.03 5.65
C LYS B 115 0.90 2.42 5.19
N TYR B 117 -1.83 1.72 1.39
CA TYR B 117 -2.06 1.16 0.07
C TYR B 117 -2.30 2.27 -0.95
N ARG B 118 -1.91 2.00 -2.19
CA ARG B 118 -2.23 2.86 -3.31
C ARG B 118 -3.73 3.06 -3.34
N GLY B 119 -4.16 4.32 -3.36
CA GLY B 119 -5.56 4.66 -3.20
C GLY B 119 -5.79 5.57 -2.02
N GLY B 120 -5.11 5.33 -0.91
CA GLY B 120 -5.34 6.11 0.32
C GLY B 120 -5.55 5.34 1.62
N LYS B 121 -5.63 4.00 1.56
CA LYS B 121 -6.11 3.19 2.69
C LYS B 121 -4.95 2.78 3.61
N ILE B 122 -5.13 3.01 4.91
CA ILE B 122 -4.07 2.75 5.85
C ILE B 122 -3.76 1.24 5.93
N CYS B 123 -2.50 0.93 6.17
CA CYS B 123 -2.04 -0.47 6.40
CA CYS B 123 -2.08 -0.42 6.35
C CYS B 123 -2.17 -0.69 7.87
N THR B 125 -2.21 -2.82 11.53
CA THR B 125 -1.35 -3.79 12.17
C THR B 125 -1.81 -5.19 11.78
N THR B 126 -0.85 -6.06 11.58
CA THR B 126 -1.15 -7.44 11.19
C THR B 126 -2.00 -8.14 12.25
N HIS B 127 -1.87 -7.71 13.51
CA HIS B 127 -2.64 -8.25 14.63
C HIS B 127 -4.14 -7.92 14.60
N PHE B 128 -4.49 -6.85 13.92
CA PHE B 128 -5.87 -6.38 13.89
C PHE B 128 -6.81 -7.40 13.26
N PHE B 129 -6.40 -7.99 12.14
CA PHE B 129 -7.31 -8.82 11.35
C PHE B 129 -7.76 -10.12 12.02
N PRO B 130 -6.81 -10.88 12.63
CA PRO B 130 -7.19 -12.00 13.47
C PRO B 130 -8.09 -11.59 14.63
N LEU B 131 -7.68 -10.57 15.38
CA LEU B 131 -8.51 -10.04 16.46
C LEU B 131 -9.93 -9.71 15.97
N TRP B 132 -10.05 -8.97 14.88
CA TRP B 132 -11.35 -8.64 14.32
C TRP B 132 -12.18 -9.90 14.00
N ALA B 133 -11.60 -10.79 13.22
CA ALA B 133 -12.29 -12.00 12.75
C ALA B 133 -12.92 -12.84 13.86
N ARG B 134 -12.24 -12.99 14.98
CA ARG B 134 -12.73 -13.82 16.05
C ARG B 134 -13.75 -13.10 16.94
N ASN B 135 -13.88 -11.79 16.76
CA ASN B 135 -14.88 -11.04 17.52
C ASN B 135 -16.10 -10.64 16.71
N VAL B 136 -16.22 -11.13 15.48
CA VAL B 136 -17.40 -10.88 14.66
C VAL B 136 -18.60 -11.64 15.25
N PRO B 137 -19.77 -10.99 15.40
CA PRO B 137 -20.14 -9.64 15.02
C PRO B 137 -20.08 -8.59 16.14
N TYR B 138 -19.37 -8.87 17.22
CA TYR B 138 -19.48 -8.05 18.45
C TYR B 138 -18.77 -6.71 18.36
N PHE B 139 -17.84 -6.61 17.42
CA PHE B 139 -17.07 -5.38 17.18
C PHE B 139 -17.72 -4.60 16.05
N GLY B 140 -17.61 -3.29 16.14
CA GLY B 140 -18.12 -2.40 15.08
C GLY B 140 -17.15 -1.27 14.74
N ILE B 141 -17.70 -0.20 14.23
CA ILE B 141 -16.92 0.95 13.76
C ILE B 141 -16.09 1.55 14.89
N SER B 142 -16.61 1.55 16.09
CA SER B 142 -15.90 2.09 17.25
C SER B 142 -14.61 1.32 17.44
N HIS B 143 -14.70 0.00 17.36
CA HIS B 143 -13.53 -0.84 17.55
C HIS B 143 -12.49 -0.70 16.47
N VAL B 144 -12.92 -0.53 15.21
CA VAL B 144 -12.02 -0.30 14.08
C VAL B 144 -11.21 0.97 14.31
N LEU B 145 -11.86 2.01 14.79
CA LEU B 145 -11.19 3.25 15.11
C LEU B 145 -10.21 3.05 16.26
N ALA B 146 -10.69 2.53 17.38
CA ALA B 146 -9.86 2.37 18.59
C ALA B 146 -8.66 1.44 18.43
N LEU B 147 -8.78 0.44 17.56
CA LEU B 147 -7.81 -0.64 17.43
C LEU B 147 -7.03 -0.59 16.11
N GLY B 148 -7.57 0.09 15.11
CA GLY B 148 -6.91 0.19 13.82
C GLY B 148 -6.30 1.56 13.61
N LEU B 149 -7.17 2.56 13.49
CA LEU B 149 -6.74 3.90 13.10
C LEU B 149 -5.93 4.59 14.17
N GLY B 150 -6.43 4.55 15.40
CA GLY B 150 -5.75 5.21 16.52
C GLY B 150 -4.30 4.80 16.69
N PRO B 151 -4.04 3.49 16.75
CA PRO B 151 -2.66 3.01 16.82
C PRO B 151 -1.83 3.42 15.60
N TRP B 152 -2.41 3.31 14.40
CA TRP B 152 -1.75 3.75 13.18
C TRP B 152 -1.32 5.20 13.30
N LEU B 153 -2.30 6.08 13.59
CA LEU B 153 -2.05 7.50 13.76
C LEU B 153 -0.92 7.72 14.75
N SER B 154 -1.10 7.12 15.93
CA SER B 154 -0.15 7.23 17.04
C SER B 154 1.30 6.87 16.69
N ILE B 155 1.47 5.96 15.75
CA ILE B 155 2.81 5.51 15.39
C ILE B 155 3.33 6.23 14.14
N GLU B 156 2.49 6.33 13.11
CA GLU B 156 2.94 6.81 11.80
C GLU B 156 3.01 8.33 11.67
N VAL B 157 2.22 9.06 12.44
CA VAL B 157 2.22 10.53 12.35
C VAL B 157 3.52 11.16 12.86
N PRO B 158 4.00 10.72 14.04
CA PRO B 158 5.32 11.16 14.52
C PRO B 158 6.45 11.02 13.49
N ALA B 159 6.55 9.84 12.86
CA ALA B 159 7.55 9.61 11.83
C ALA B 159 7.42 10.59 10.66
N VAL B 161 5.98 13.67 10.71
CA VAL B 161 6.34 14.99 11.17
C VAL B 161 7.87 15.15 11.20
N GLU B 162 8.58 14.10 11.61
CA GLU B 162 10.04 14.11 11.68
C GLU B 162 10.71 14.15 10.29
N GLU B 163 10.01 13.70 9.26
CA GLU B 163 10.51 13.80 7.89
C GLU B 163 10.20 15.15 7.25
N GLY B 164 9.50 16.01 7.98
CA GLY B 164 9.15 17.34 7.51
C GLY B 164 7.97 17.35 6.55
N TYR B 165 7.27 16.23 6.41
CA TYR B 165 6.20 16.13 5.42
C TYR B 165 4.87 16.74 5.85
N LEU B 166 4.73 17.13 7.13
CA LEU B 166 3.48 17.71 7.63
C LEU B 166 3.71 18.98 8.44
N LYS B 167 2.92 20.01 8.17
CA LYS B 167 2.86 21.20 9.02
C LYS B 167 1.70 21.07 10.02
N PRO B 168 1.80 21.71 11.20
CA PRO B 168 0.71 21.68 12.18
C PRO B 168 -0.60 22.30 11.66
N SER C 12 1.71 -7.26 -5.31
CA SER C 12 2.58 -7.87 -4.26
C SER C 12 1.77 -8.87 -3.41
N VAL C 13 2.41 -9.99 -3.06
CA VAL C 13 1.70 -11.08 -2.36
C VAL C 13 1.46 -10.71 -0.90
N LYS C 14 2.47 -10.17 -0.23
CA LYS C 14 2.35 -9.81 1.18
C LYS C 14 1.34 -8.66 1.39
N GLU C 15 1.30 -7.73 0.45
CA GLU C 15 0.32 -6.63 0.47
C GLU C 15 -1.11 -7.14 0.28
N SER C 16 -1.30 -7.96 -0.76
CA SER C 16 -2.63 -8.46 -1.14
C SER C 16 -3.28 -9.35 -0.09
N VAL C 17 -2.49 -10.24 0.50
CA VAL C 17 -3.04 -11.24 1.42
C VAL C 17 -3.60 -10.64 2.71
N SER C 18 -3.08 -9.48 3.12
CA SER C 18 -3.56 -8.80 4.33
C SER C 18 -4.89 -8.07 4.10
N ARG C 19 -5.20 -7.79 2.84
CA ARG C 19 -6.47 -7.14 2.48
C ARG C 19 -7.57 -8.15 2.17
N ILE C 20 -7.25 -9.44 2.16
CA ILE C 20 -8.28 -10.47 2.04
C ILE C 20 -8.90 -10.66 3.44
N PRO C 21 -10.25 -10.58 3.53
CA PRO C 21 -10.87 -10.77 4.85
C PRO C 21 -10.74 -12.20 5.39
N LEU C 22 -10.33 -12.32 6.65
CA LEU C 22 -10.29 -13.62 7.32
C LEU C 22 -11.70 -14.18 7.54
N LEU C 23 -11.80 -15.51 7.63
CA LEU C 23 -13.04 -16.21 7.98
C LEU C 23 -12.94 -16.66 9.44
N LYS C 24 -14.00 -17.31 9.94
CA LYS C 24 -14.14 -17.59 11.37
C LYS C 24 -14.60 -19.02 11.67
N THR C 25 -15.65 -19.47 10.99
CA THR C 25 -16.30 -20.73 11.34
C THR C 25 -15.47 -21.94 10.92
N LYS C 26 -15.39 -22.93 11.80
CA LYS C 26 -14.64 -24.16 11.54
C LYS C 26 -15.63 -25.26 11.16
N ALA C 27 -16.01 -25.30 9.89
CA ALA C 27 -17.00 -26.24 9.42
C ALA C 27 -16.58 -26.81 8.07
N GLY C 28 -16.81 -28.10 7.89
CA GLY C 28 -16.58 -28.77 6.63
C GLY C 28 -17.88 -28.96 5.87
N PRO C 29 -17.79 -29.53 4.65
CA PRO C 29 -18.91 -29.79 3.75
C PRO C 29 -20.15 -30.44 4.36
N ARG C 30 -19.98 -31.35 5.31
CA ARG C 30 -21.09 -32.15 5.86
C ARG C 30 -21.70 -31.61 7.16
N ASP C 31 -21.19 -30.50 7.67
CA ASP C 31 -21.65 -29.96 8.97
C ASP C 31 -23.06 -29.36 8.92
N GLY C 32 -23.53 -28.99 7.73
CA GLY C 32 -24.92 -28.56 7.54
C GLY C 32 -25.11 -27.06 7.48
N ASP C 33 -25.90 -26.53 8.42
CA ASP C 33 -26.09 -25.07 8.53
C ASP C 33 -24.83 -24.38 9.07
N LYS C 34 -23.99 -25.13 9.80
CA LYS C 34 -22.68 -24.66 10.21
C LYS C 34 -21.79 -24.43 8.95
N TRP C 35 -21.94 -25.32 7.98
CA TRP C 35 -21.29 -25.18 6.69
C TRP C 35 -21.84 -24.01 5.88
N THR C 36 -23.15 -23.78 5.95
CA THR C 36 -23.73 -22.64 5.25
C THR C 36 -23.22 -21.33 5.85
N ALA C 37 -23.05 -21.31 7.18
CA ALA C 37 -22.37 -20.21 7.88
C ALA C 37 -20.94 -19.99 7.38
N ARG C 38 -20.20 -21.08 7.14
CA ARG C 38 -18.84 -21.00 6.63
C ARG C 38 -18.83 -20.61 5.14
N LEU C 39 -19.75 -21.19 4.38
CA LEU C 39 -19.87 -20.94 2.94
C LEU C 39 -20.22 -19.48 2.64
N LYS C 40 -20.99 -18.86 3.52
CA LYS C 40 -21.28 -17.43 3.41
C LYS C 40 -20.02 -16.60 3.66
N GLU C 41 -19.22 -17.01 4.66
CA GLU C 41 -17.97 -16.33 4.94
C GLU C 41 -17.01 -16.49 3.75
N GLU C 42 -17.04 -17.67 3.15
CA GLU C 42 -16.19 -17.97 2.00
C GLU C 42 -16.52 -17.00 0.84
N TYR C 43 -17.80 -16.93 0.48
CA TYR C 43 -18.22 -15.98 -0.56
C TYR C 43 -17.84 -14.55 -0.18
N ALA C 44 -18.03 -14.19 1.09
CA ALA C 44 -17.72 -12.83 1.57
C ALA C 44 -16.26 -12.47 1.30
N SER C 45 -15.35 -13.33 1.75
CA SER C 45 -13.92 -13.17 1.53
C SER C 45 -13.58 -13.08 0.04
N LEU C 46 -14.07 -14.04 -0.73
CA LEU C 46 -13.80 -14.14 -2.18
C LEU C 46 -14.22 -12.89 -2.94
N ILE C 47 -15.40 -12.40 -2.58
CA ILE C 47 -16.01 -11.21 -3.19
C ILE C 47 -15.19 -9.97 -2.92
N THR C 48 -14.72 -9.81 -1.69
CA THR C 48 -13.82 -8.69 -1.36
C THR C 48 -12.50 -8.79 -2.12
N TYR C 49 -11.96 -10.01 -2.22
CA TYR C 49 -10.66 -10.24 -2.90
C TYR C 49 -10.73 -9.86 -4.39
N VAL C 50 -11.78 -10.32 -5.07
CA VAL C 50 -12.04 -9.94 -6.44
C VAL C 50 -12.20 -8.43 -6.58
N GLU C 51 -12.95 -7.79 -5.67
CA GLU C 51 -13.13 -6.35 -5.74
C GLU C 51 -11.78 -5.64 -5.74
N HIS C 52 -10.92 -5.97 -4.78
CA HIS C 52 -9.59 -5.36 -4.69
C HIS C 52 -8.75 -5.63 -5.95
N ASN C 53 -8.76 -6.88 -6.40
CA ASN C 53 -8.07 -7.25 -7.65
C ASN C 53 -8.52 -6.37 -8.81
N LYS C 54 -9.83 -6.31 -9.01
CA LYS C 54 -10.43 -5.52 -10.10
C LYS C 54 -10.01 -4.05 -10.04
N ALA C 55 -10.10 -3.45 -8.86
CA ALA C 55 -9.73 -2.05 -8.65
C ALA C 55 -8.23 -1.77 -8.85
N SER C 56 -7.41 -2.81 -8.74
CA SER C 56 -5.96 -2.68 -8.95
C SER C 56 -5.49 -3.20 -10.31
N ASP C 57 -6.43 -3.51 -11.19
CA ASP C 57 -6.11 -4.05 -12.50
C ASP C 57 -5.27 -5.32 -12.36
N SER C 58 -5.72 -6.24 -11.52
CA SER C 58 -5.03 -7.52 -11.29
C SER C 58 -5.99 -8.70 -11.14
N HIS C 59 -7.21 -8.54 -11.62
CA HIS C 59 -8.18 -9.64 -11.69
C HIS C 59 -7.57 -10.78 -12.51
N TRP C 60 -7.53 -11.99 -11.94
CA TRP C 60 -6.84 -13.10 -12.58
C TRP C 60 -7.54 -14.45 -12.49
N PHE C 61 -8.84 -14.46 -12.20
CA PHE C 61 -9.60 -15.71 -12.11
C PHE C 61 -11.10 -15.47 -12.03
N HIS C 62 -11.87 -16.45 -12.49
CA HIS C 62 -13.32 -16.47 -12.30
C HIS C 62 -13.71 -17.84 -11.77
N LEU C 63 -14.52 -17.85 -10.71
CA LEU C 63 -14.95 -19.09 -10.07
C LEU C 63 -16.44 -19.12 -9.80
N GLU C 64 -17.01 -20.31 -9.94
CA GLU C 64 -18.41 -20.56 -9.61
C GLU C 64 -18.42 -21.84 -8.77
N SER C 65 -19.53 -22.06 -8.07
CA SER C 65 -19.69 -23.23 -7.22
C SER C 65 -21.08 -23.81 -7.38
N ASN C 66 -21.21 -25.09 -7.09
CA ASN C 66 -22.51 -25.76 -7.11
C ASN C 66 -23.35 -25.28 -5.91
N PRO C 67 -24.66 -25.58 -5.89
CA PRO C 67 -25.51 -25.07 -4.81
C PRO C 67 -24.92 -25.26 -3.40
N GLN C 68 -24.46 -26.47 -3.11
CA GLN C 68 -23.91 -26.81 -1.80
C GLN C 68 -22.50 -26.26 -1.57
N GLY C 69 -21.86 -25.80 -2.64
CA GLY C 69 -20.52 -25.21 -2.55
C GLY C 69 -19.44 -26.17 -2.08
N THR C 70 -19.63 -27.46 -2.34
CA THR C 70 -18.61 -28.47 -2.08
C THR C 70 -17.77 -28.70 -3.33
N ARG C 71 -18.18 -28.11 -4.45
CA ARG C 71 -17.61 -28.37 -5.75
C ARG C 71 -17.45 -27.04 -6.49
N TRP C 72 -16.20 -26.67 -6.74
CA TRP C 72 -15.86 -25.39 -7.33
C TRP C 72 -15.18 -25.56 -8.68
N TYR C 73 -15.42 -24.60 -9.57
CA TYR C 73 -14.93 -24.69 -10.95
C TYR C 73 -14.89 -23.31 -11.62
N GLY C 74 -14.04 -23.18 -12.63
CA GLY C 74 -13.88 -21.92 -13.36
C GLY C 74 -12.59 -21.84 -14.15
N THR C 75 -12.02 -20.64 -14.25
CA THR C 75 -10.78 -20.41 -15.00
C THR C 75 -9.81 -19.49 -14.24
N CYS C 76 -8.55 -19.50 -14.66
CA CYS C 76 -7.55 -18.57 -14.16
C CYS C 76 -6.53 -18.27 -15.24
N TRP C 77 -5.89 -17.11 -15.13
CA TRP C 77 -4.90 -16.68 -16.13
C TRP C 77 -3.79 -15.85 -15.53
N THR C 78 -2.75 -15.66 -16.33
CA THR C 78 -1.58 -14.87 -15.95
C THR C 78 -0.82 -14.46 -17.19
N TYR C 79 0.04 -13.46 -17.04
CA TYR C 79 0.77 -12.90 -18.15
C TYR C 79 2.25 -13.21 -18.07
N TYR C 80 2.85 -13.40 -19.25
CA TYR C 80 4.26 -13.71 -19.37
C TYR C 80 4.73 -13.22 -20.72
N LYS C 81 5.83 -12.47 -20.72
CA LYS C 81 6.31 -11.78 -21.92
C LYS C 81 5.14 -11.07 -22.61
N ASN C 82 4.33 -10.40 -21.80
CA ASN C 82 3.16 -9.67 -22.27
C ASN C 82 2.20 -10.50 -23.13
N GLU C 83 2.01 -11.76 -22.76
CA GLU C 83 1.03 -12.65 -23.40
C GLU C 83 0.15 -13.29 -22.32
N LYS C 84 -1.10 -13.57 -22.68
CA LYS C 84 -2.08 -14.12 -21.73
C LYS C 84 -2.24 -15.60 -21.92
N TYR C 85 -2.20 -16.32 -20.80
CA TYR C 85 -2.41 -17.77 -20.78
C TYR C 85 -3.55 -18.08 -19.83
N GLU C 86 -4.64 -18.61 -20.38
CA GLU C 86 -5.85 -18.92 -19.62
C GLU C 86 -6.02 -20.44 -19.44
N PHE C 87 -6.33 -20.86 -18.22
CA PHE C 87 -6.50 -22.29 -17.90
C PHE C 87 -7.82 -22.58 -17.17
N GLU C 88 -8.42 -23.73 -17.49
CA GLU C 88 -9.62 -24.21 -16.82
C GLU C 88 -9.22 -24.84 -15.48
N ASN C 90 -10.51 -26.44 -11.34
CA ASN C 90 -11.56 -27.02 -10.50
C ASN C 90 -11.01 -27.60 -9.19
N PHE C 91 -11.87 -27.64 -8.17
CA PHE C 91 -11.54 -28.32 -6.92
C PHE C 91 -12.75 -28.71 -6.08
N ASP C 92 -12.56 -29.78 -5.30
CA ASP C 92 -13.53 -30.22 -4.31
C ASP C 92 -13.10 -29.71 -2.93
N ILE C 93 -14.06 -29.54 -2.03
CA ILE C 93 -13.75 -29.19 -0.65
C ILE C 93 -13.54 -30.49 0.12
N PRO C 94 -12.39 -30.63 0.80
CA PRO C 94 -12.21 -31.82 1.63
C PRO C 94 -13.17 -31.88 2.83
N VAL C 95 -13.44 -33.09 3.32
CA VAL C 95 -14.22 -33.33 4.52
C VAL C 95 -13.56 -32.70 5.76
N THR C 96 -12.22 -32.73 5.79
CA THR C 96 -11.43 -32.12 6.86
C THR C 96 -11.28 -30.58 6.71
N TYR C 97 -11.74 -30.02 5.58
CA TYR C 97 -11.75 -28.57 5.40
C TYR C 97 -12.43 -27.90 6.59
N PRO C 98 -11.83 -26.83 7.15
CA PRO C 98 -10.68 -26.05 6.67
C PRO C 98 -9.30 -26.43 7.25
N GLN C 99 -9.21 -27.54 7.99
CA GLN C 99 -7.91 -28.03 8.46
C GLN C 99 -7.01 -28.34 7.27
N ALA C 100 -7.55 -29.10 6.31
CA ALA C 100 -6.83 -29.46 5.09
C ALA C 100 -7.26 -28.51 3.96
N PRO C 101 -6.28 -27.91 3.25
CA PRO C 101 -6.65 -27.05 2.13
C PRO C 101 -7.18 -27.85 0.95
N PRO C 102 -7.98 -27.23 0.09
CA PRO C 102 -8.40 -27.94 -1.13
C PRO C 102 -7.28 -28.15 -2.14
N GLU C 103 -7.46 -29.14 -2.99
CA GLU C 103 -6.51 -29.50 -4.03
C GLU C 103 -6.99 -28.98 -5.39
N ILE C 104 -6.36 -27.91 -5.87
CA ILE C 104 -6.75 -27.26 -7.12
C ILE C 104 -6.16 -28.02 -8.33
N ALA C 105 -7.01 -28.32 -9.30
CA ALA C 105 -6.63 -29.07 -10.49
C ALA C 105 -6.73 -28.20 -11.74
N LEU C 106 -5.74 -28.34 -12.64
CA LEU C 106 -5.72 -27.65 -13.93
C LEU C 106 -5.47 -28.69 -15.04
N PRO C 107 -6.51 -29.49 -15.36
CA PRO C 107 -6.38 -30.69 -16.22
C PRO C 107 -5.63 -30.52 -17.56
N GLU C 108 -5.67 -29.32 -18.16
CA GLU C 108 -5.01 -29.08 -19.44
C GLU C 108 -3.49 -29.17 -19.32
N LEU C 109 -2.98 -28.88 -18.13
CA LEU C 109 -1.54 -28.78 -17.92
C LEU C 109 -0.87 -30.10 -17.55
N GLU C 110 -1.64 -31.19 -17.56
CA GLU C 110 -1.09 -32.50 -17.22
C GLU C 110 -0.20 -32.98 -18.35
N GLY C 111 1.04 -33.37 -18.02
CA GLY C 111 2.04 -33.75 -19.02
C GLY C 111 2.98 -32.60 -19.37
N LYS C 112 2.64 -31.41 -18.90
CA LYS C 112 3.42 -30.21 -19.17
C LYS C 112 4.26 -29.75 -17.97
N THR C 113 4.00 -30.26 -16.77
CA THR C 113 4.82 -29.90 -15.58
C THR C 113 4.91 -31.05 -14.60
N VAL C 114 6.09 -31.19 -13.99
CA VAL C 114 6.34 -32.21 -12.97
C VAL C 114 5.74 -31.84 -11.59
N LYS C 115 5.36 -30.58 -11.42
CA LYS C 115 4.86 -30.08 -10.14
C LYS C 115 3.34 -30.22 -10.13
N TYR C 117 0.29 -33.57 -9.64
CA TYR C 117 -0.07 -34.96 -9.40
C TYR C 117 -0.80 -35.50 -10.60
N ARG C 118 -0.75 -36.81 -10.75
CA ARG C 118 -1.41 -37.51 -11.85
C ARG C 118 -2.90 -37.37 -11.62
N GLY C 119 -3.56 -36.65 -12.53
CA GLY C 119 -4.97 -36.30 -12.40
C GLY C 119 -5.19 -34.84 -12.72
N GLY C 120 -4.15 -34.02 -12.52
CA GLY C 120 -4.21 -32.59 -12.81
C GLY C 120 -4.06 -31.69 -11.60
N LYS C 121 -4.10 -32.26 -10.40
CA LYS C 121 -3.95 -31.49 -9.16
C LYS C 121 -2.55 -30.93 -9.05
N ILE C 122 -2.46 -29.62 -8.80
CA ILE C 122 -1.16 -28.97 -8.70
C ILE C 122 -0.45 -29.35 -7.41
N CYS C 123 0.88 -29.38 -7.48
CA CYS C 123 1.73 -29.72 -6.35
C CYS C 123 2.27 -28.40 -5.81
N THR C 125 4.20 -25.90 -3.02
CA THR C 125 5.46 -26.02 -2.28
C THR C 125 5.21 -26.48 -0.85
N THR C 126 6.14 -27.29 -0.36
CA THR C 126 6.11 -27.80 1.01
C THR C 126 5.74 -26.71 2.03
N HIS C 127 6.15 -25.47 1.78
CA HIS C 127 6.03 -24.39 2.76
C HIS C 127 4.61 -23.82 2.90
N PHE C 128 3.75 -24.09 1.93
CA PHE C 128 2.33 -23.70 1.99
C PHE C 128 1.54 -24.35 3.13
N PHE C 129 1.80 -25.63 3.36
CA PHE C 129 1.02 -26.44 4.30
C PHE C 129 1.16 -26.03 5.77
N PRO C 130 2.39 -25.69 6.21
CA PRO C 130 2.55 -25.07 7.54
C PRO C 130 2.13 -23.60 7.62
N LEU C 131 2.14 -22.89 6.49
CA LEU C 131 1.57 -21.53 6.42
C LEU C 131 0.05 -21.62 6.59
N TRP C 132 -0.57 -22.53 5.84
CA TRP C 132 -1.99 -22.80 5.97
C TRP C 132 -2.40 -23.22 7.38
N ALA C 133 -1.73 -24.25 7.89
CA ALA C 133 -2.11 -24.90 9.14
C ALA C 133 -2.09 -23.97 10.34
N ARG C 134 -1.12 -23.05 10.39
CA ARG C 134 -1.05 -22.11 11.50
C ARG C 134 -2.13 -21.02 11.45
N ASN C 135 -2.66 -20.74 10.26
CA ASN C 135 -3.73 -19.75 10.07
C ASN C 135 -5.13 -20.36 9.99
N VAL C 136 -5.25 -21.66 10.27
CA VAL C 136 -6.55 -22.32 10.39
C VAL C 136 -7.24 -21.82 11.66
N PRO C 137 -8.55 -21.45 11.59
CA PRO C 137 -9.49 -21.49 10.46
C PRO C 137 -9.68 -20.15 9.73
N TYR C 138 -8.81 -19.18 10.02
CA TYR C 138 -8.92 -17.85 9.43
C TYR C 138 -8.79 -17.80 7.89
N PHE C 139 -8.10 -18.77 7.28
CA PHE C 139 -7.91 -18.73 5.81
C PHE C 139 -9.00 -19.53 5.08
N GLY C 140 -9.31 -19.12 3.85
CA GLY C 140 -10.29 -19.81 3.02
C GLY C 140 -9.88 -19.91 1.55
N ILE C 141 -10.86 -20.14 0.69
CA ILE C 141 -10.63 -20.32 -0.73
C ILE C 141 -9.85 -19.16 -1.34
N SER C 142 -10.21 -17.95 -0.98
CA SER C 142 -9.46 -16.76 -1.40
C SER C 142 -7.97 -16.92 -1.10
N HIS C 143 -7.62 -17.35 0.11
CA HIS C 143 -6.22 -17.49 0.54
C HIS C 143 -5.47 -18.60 -0.18
N VAL C 144 -6.16 -19.68 -0.54
CA VAL C 144 -5.50 -20.74 -1.31
C VAL C 144 -5.20 -20.29 -2.76
N LEU C 145 -6.05 -19.44 -3.32
CA LEU C 145 -5.76 -18.86 -4.63
C LEU C 145 -4.56 -17.89 -4.55
N ALA C 146 -4.56 -17.01 -3.55
CA ALA C 146 -3.52 -15.99 -3.43
C ALA C 146 -2.18 -16.57 -2.99
N LEU C 147 -2.20 -17.47 -2.00
CA LEU C 147 -0.97 -18.06 -1.42
C LEU C 147 -0.56 -19.40 -2.07
N GLY C 148 -1.51 -20.10 -2.70
CA GLY C 148 -1.25 -21.43 -3.27
C GLY C 148 -1.15 -21.43 -4.79
N LEU C 149 -2.25 -21.07 -5.45
CA LEU C 149 -2.33 -21.13 -6.91
C LEU C 149 -1.50 -20.05 -7.58
N GLY C 150 -1.57 -18.84 -7.03
CA GLY C 150 -0.86 -17.70 -7.59
C GLY C 150 0.63 -17.91 -7.77
N PRO C 151 1.33 -18.26 -6.69
CA PRO C 151 2.79 -18.50 -6.77
C PRO C 151 3.16 -19.71 -7.60
N TRP C 152 2.28 -20.70 -7.65
CA TRP C 152 2.46 -21.87 -8.49
C TRP C 152 2.47 -21.45 -9.96
N LEU C 153 1.43 -20.72 -10.36
CA LEU C 153 1.33 -20.19 -11.72
C LEU C 153 2.50 -19.28 -12.05
N SER C 154 2.80 -18.34 -11.17
CA SER C 154 3.82 -17.36 -11.48
C SER C 154 5.17 -18.01 -11.74
N ILE C 155 5.42 -19.14 -11.07
CA ILE C 155 6.71 -19.84 -11.16
C ILE C 155 6.71 -21.03 -12.15
N GLU C 156 5.55 -21.64 -12.43
CA GLU C 156 5.49 -22.79 -13.36
C GLU C 156 5.13 -22.45 -14.81
N VAL C 157 4.27 -21.46 -15.02
CA VAL C 157 3.87 -21.07 -16.38
C VAL C 157 5.06 -20.63 -17.24
N PRO C 158 5.98 -19.80 -16.68
CA PRO C 158 7.15 -19.38 -17.44
C PRO C 158 8.00 -20.54 -17.98
N ALA C 159 8.24 -21.57 -17.17
CA ALA C 159 8.97 -22.76 -17.61
C ALA C 159 8.25 -23.49 -18.74
N VAL C 161 6.03 -22.32 -20.89
CA VAL C 161 6.14 -21.50 -22.09
C VAL C 161 7.49 -21.69 -22.77
N GLU C 162 8.57 -21.58 -22.00
CA GLU C 162 9.91 -21.75 -22.57
C GLU C 162 10.10 -23.15 -23.16
N GLU C 163 9.46 -24.14 -22.57
CA GLU C 163 9.56 -25.51 -23.07
C GLU C 163 8.71 -25.73 -24.34
N GLY C 164 7.90 -24.75 -24.73
CA GLY C 164 7.16 -24.82 -25.99
C GLY C 164 5.77 -25.43 -25.88
N TYR C 165 5.32 -25.66 -24.66
CA TYR C 165 4.06 -26.36 -24.42
C TYR C 165 2.79 -25.52 -24.62
N LEU C 166 2.85 -24.24 -24.28
CA LEU C 166 1.62 -23.43 -24.21
C LEU C 166 1.42 -22.55 -25.44
N LYS C 167 0.16 -22.46 -25.88
CA LYS C 167 -0.27 -21.50 -26.89
C LYS C 167 -0.81 -20.25 -26.17
N PRO C 168 -0.42 -19.04 -26.64
CA PRO C 168 -1.02 -17.82 -26.09
C PRO C 168 -2.48 -17.59 -26.52
#